data_6EAJ
#
_entry.id   6EAJ
#
_cell.length_a   168.190
_cell.length_b   168.190
_cell.length_c   168.190
_cell.angle_alpha   90.000
_cell.angle_beta   90.000
_cell.angle_gamma   90.000
#
_symmetry.space_group_name_H-M   'P 41 3 2'
#
loop_
_entity.id
_entity.type
_entity.pdbx_description
1 polymer 'Fusion glycoprotein F0'
2 non-polymer 'SULFATE ION'
3 non-polymer '2-[N-CYCLOHEXYLAMINO]ETHANE SULFONIC ACID'
4 non-polymer 'D(-)-TARTARIC ACID'
5 water water
#
_entity_poly.entity_id   1
_entity_poly.type   'polypeptide(L)'
_entity_poly.pdbx_seq_one_letter_code
;MELLILKANAITTILTAVTFCFASGQNITEEFYQSTCSAVSKGYLSALRTGWYTSVITIELSNIKENKCNGTDAKVKLIK
QELDKYKNAVTELQLLMQSTPATNNRARRELPRFMNYTLNNAKKTNVTLSKKRKRRFLGFLLGVGSAIASGVAVCKVLHL
EGEVNKIKSALLSTNKAVVSLSNGVSVLTFKVLDLKNYIDKQLLPILNKQSCSISNIETVIEFQQKNNRLLEITREFSVN
AGVTTPVSTYMLTNSELLSLINDMPITNDQKKLMSNNVQIVRQQSYSIMCIIKEEVLAYVVQLPLYGVIDTPCWKLHTSP
LCTTNTKEGSNICLTRTDRGWYCDNAGSVSFFPQAETCKVQSNRVFCDTMNSLTLPSEVNLCNVDIFNPKYDCKIMTSKA
DVSSSVITSLGAIVSCYGKTKCTASNKNRGIIKTFSNGCDYVSNKGVDTVSVGNTLYYVNKQEGKSLYVKGEPIINFYDP
LVFPSDEFDASISQVNEKINQSLAFIRKSDELLSAIGGYIPEAPRDGQAYVRKDGEWVLLSTFLGGLVPRGSHHHHHHSA
WSHPQFEK
;
_entity_poly.pdbx_strand_id   F
#
loop_
_chem_comp.id
_chem_comp.type
_chem_comp.name
_chem_comp.formula
NHE non-polymer '2-[N-CYCLOHEXYLAMINO]ETHANE SULFONIC ACID' 'C8 H17 N O3 S'
SO4 non-polymer 'SULFATE ION' 'O4 S -2'
TAR non-polymer 'D(-)-TARTARIC ACID' 'C4 H6 O6'
#
# COMPACT_ATOMS: atom_id res chain seq x y z
N ASN A 27 17.82 13.46 4.04
CA ASN A 27 17.76 14.84 4.51
C ASN A 27 16.30 15.26 4.75
N ILE A 28 15.74 14.80 5.86
CA ILE A 28 14.35 15.07 6.21
C ILE A 28 14.29 16.31 7.09
N THR A 29 13.48 17.28 6.68
CA THR A 29 13.22 18.48 7.45
C THR A 29 11.71 18.62 7.67
N GLU A 30 11.34 19.52 8.57
CA GLU A 30 9.94 19.68 8.93
C GLU A 30 9.67 21.13 9.31
N GLU A 31 8.49 21.62 8.94
CA GLU A 31 8.07 22.98 9.23
C GLU A 31 6.66 22.94 9.83
N PHE A 32 6.48 23.59 10.97
CA PHE A 32 5.19 23.69 11.62
C PHE A 32 4.59 25.07 11.41
N TYR A 33 3.33 25.11 11.00
CA TYR A 33 2.63 26.36 10.70
C TYR A 33 1.63 26.62 11.82
N GLN A 34 2.03 27.47 12.77
CA GLN A 34 1.18 27.77 13.93
C GLN A 34 -0.14 28.39 13.51
N SER A 35 -0.17 29.12 12.39
CA SER A 35 -1.38 29.82 12.00
C SER A 35 -2.50 28.87 11.62
N THR A 36 -2.17 27.72 11.00
CA THR A 36 -3.17 26.79 10.50
C THR A 36 -3.13 25.45 11.21
N CYS A 37 -2.30 25.29 12.25
CA CYS A 37 -2.20 24.05 13.01
C CYS A 37 -1.85 22.87 12.10
N SER A 38 -0.78 23.04 11.33
CA SER A 38 -0.38 22.03 10.36
C SER A 38 1.14 22.01 10.25
N ALA A 39 1.67 20.85 9.85
CA ALA A 39 3.10 20.68 9.71
C ALA A 39 3.39 19.86 8.45
N VAL A 40 4.47 20.22 7.76
CA VAL A 40 4.88 19.56 6.53
C VAL A 40 6.25 18.94 6.74
N SER A 41 6.37 17.66 6.44
CA SER A 41 7.63 16.92 6.52
C SER A 41 8.11 16.68 5.10
N LYS A 42 9.09 17.46 4.66
CA LYS A 42 9.61 17.37 3.30
C LYS A 42 10.98 16.71 3.32
N GLY A 43 11.51 16.47 2.11
CA GLY A 43 12.78 15.82 1.93
C GLY A 43 12.72 14.38 1.46
N TYR A 44 11.54 13.88 1.12
CA TYR A 44 11.37 12.49 0.71
C TYR A 44 11.47 12.35 -0.80
N LEU A 45 11.65 11.11 -1.24
CA LEU A 45 11.76 10.77 -2.65
C LEU A 45 10.59 9.86 -3.04
N SER A 46 10.15 9.99 -4.29
CA SER A 46 8.94 9.32 -4.74
C SER A 46 9.24 7.94 -5.31
N ALA A 47 8.21 7.09 -5.26
CA ALA A 47 8.18 5.81 -5.95
C ALA A 47 6.72 5.43 -6.19
N LEU A 48 6.13 5.97 -7.24
CA LEU A 48 4.70 5.88 -7.46
C LEU A 48 4.36 4.72 -8.40
N ARG A 49 3.38 3.91 -8.00
CA ARG A 49 2.86 2.86 -8.86
C ARG A 49 1.99 3.49 -9.94
N THR A 50 2.49 3.51 -11.18
CA THR A 50 1.79 4.14 -12.29
C THR A 50 1.17 3.14 -13.26
N GLY A 51 1.75 1.96 -13.40
CA GLY A 51 1.21 0.94 -14.29
C GLY A 51 1.35 -0.45 -13.72
N TRP A 52 1.14 -1.47 -14.55
CA TRP A 52 1.24 -2.85 -14.10
C TRP A 52 2.07 -3.66 -15.09
N TYR A 53 2.76 -4.67 -14.57
CA TYR A 53 3.47 -5.65 -15.37
C TYR A 53 2.91 -7.03 -15.06
N THR A 54 2.49 -7.74 -16.10
CA THR A 54 1.88 -9.05 -15.94
C THR A 54 2.85 -10.13 -16.43
N SER A 55 3.15 -11.07 -15.55
CA SER A 55 3.98 -12.22 -15.89
C SER A 55 3.19 -13.49 -15.61
N VAL A 56 3.52 -14.55 -16.34
CA VAL A 56 2.84 -15.83 -16.23
C VAL A 56 3.78 -16.82 -15.58
N ILE A 57 3.51 -17.16 -14.32
CA ILE A 57 4.27 -18.17 -13.60
C ILE A 57 3.61 -19.53 -13.80
N THR A 58 4.41 -20.54 -14.12
CA THR A 58 3.87 -21.85 -14.47
C THR A 58 4.51 -22.93 -13.60
N ILE A 59 3.75 -24.01 -13.40
CA ILE A 59 4.22 -25.21 -12.70
C ILE A 59 3.81 -26.39 -13.55
N GLU A 60 4.79 -27.09 -14.13
CA GLU A 60 4.49 -28.22 -14.99
C GLU A 60 4.02 -29.41 -14.14
N LEU A 61 2.90 -30.01 -14.54
CA LEU A 61 2.24 -31.04 -13.75
C LEU A 61 2.35 -32.40 -14.43
N SER A 62 2.27 -33.44 -13.61
CA SER A 62 2.31 -34.83 -14.08
C SER A 62 0.90 -35.38 -14.25
N ASN A 63 0.74 -36.25 -15.25
CA ASN A 63 -0.53 -36.89 -15.55
C ASN A 63 -0.45 -38.34 -15.11
N ILE A 64 -1.19 -38.69 -14.06
CA ILE A 64 -1.16 -40.05 -13.53
C ILE A 64 -2.52 -40.71 -13.67
N CYS A 69 -1.96 -50.35 -6.41
CA CYS A 69 -0.83 -51.08 -5.85
C CYS A 69 -1.21 -51.74 -4.52
N ASN A 70 -1.05 -53.06 -4.45
CA ASN A 70 -1.40 -53.81 -3.25
C ASN A 70 -0.37 -53.68 -2.14
N GLY A 71 0.82 -53.19 -2.45
CA GLY A 71 1.89 -53.09 -1.47
C GLY A 71 1.56 -52.19 -0.29
N THR A 72 1.74 -52.72 0.93
CA THR A 72 1.51 -51.97 2.15
C THR A 72 2.81 -51.41 2.74
N ASP A 73 3.85 -51.27 1.91
CA ASP A 73 5.15 -50.81 2.39
C ASP A 73 5.02 -49.46 3.09
N ALA A 74 5.61 -49.36 4.28
CA ALA A 74 5.49 -48.15 5.08
C ALA A 74 6.10 -46.94 4.39
N LYS A 75 6.95 -47.16 3.38
CA LYS A 75 7.51 -46.07 2.59
C LYS A 75 6.65 -45.75 1.38
N VAL A 76 6.05 -46.77 0.76
CA VAL A 76 5.12 -46.52 -0.33
C VAL A 76 3.83 -45.89 0.20
N LYS A 77 3.42 -46.29 1.41
CA LYS A 77 2.24 -45.69 2.03
C LYS A 77 2.42 -44.19 2.23
N LEU A 78 3.61 -43.77 2.64
CA LEU A 78 3.87 -42.34 2.78
C LEU A 78 3.91 -41.65 1.42
N ILE A 79 4.34 -42.36 0.37
CA ILE A 79 4.33 -41.78 -0.97
C ILE A 79 2.91 -41.71 -1.51
N LYS A 80 2.10 -42.74 -1.24
CA LYS A 80 0.70 -42.71 -1.66
C LYS A 80 -0.05 -41.57 -1.00
N GLN A 81 0.25 -41.29 0.27
CA GLN A 81 -0.41 -40.18 0.96
C GLN A 81 -0.01 -38.84 0.37
N GLU A 82 1.28 -38.65 0.10
CA GLU A 82 1.73 -37.40 -0.50
C GLU A 82 1.24 -37.25 -1.93
N LEU A 83 1.08 -38.37 -2.65
CA LEU A 83 0.54 -38.31 -4.00
C LEU A 83 -0.93 -37.93 -3.99
N ASP A 84 -1.68 -38.37 -2.98
CA ASP A 84 -3.08 -37.96 -2.86
C ASP A 84 -3.18 -36.47 -2.55
N LYS A 85 -2.27 -35.94 -1.73
CA LYS A 85 -2.22 -34.50 -1.51
C LYS A 85 -1.99 -33.76 -2.82
N TYR A 86 -1.19 -34.34 -3.71
CA TYR A 86 -0.94 -33.74 -5.01
C TYR A 86 -2.19 -33.80 -5.89
N LYS A 87 -2.86 -34.95 -5.92
CA LYS A 87 -4.06 -35.08 -6.74
C LYS A 87 -5.20 -34.21 -6.23
N ASN A 88 -5.31 -34.07 -4.90
CA ASN A 88 -6.38 -33.25 -4.34
C ASN A 88 -6.13 -31.77 -4.61
N ALA A 89 -4.87 -31.33 -4.55
CA ALA A 89 -4.57 -29.93 -4.80
C ALA A 89 -4.87 -29.55 -6.26
N VAL A 90 -4.60 -30.47 -7.19
CA VAL A 90 -4.92 -30.20 -8.59
C VAL A 90 -6.42 -30.12 -8.79
N THR A 91 -7.17 -31.07 -8.22
CA THR A 91 -8.62 -31.04 -8.31
C THR A 91 -9.19 -29.80 -7.62
N GLU A 92 -8.59 -29.41 -6.49
CA GLU A 92 -9.05 -28.24 -5.76
C GLU A 92 -8.86 -26.96 -6.58
N LEU A 93 -7.76 -26.86 -7.32
CA LEU A 93 -7.51 -25.69 -8.13
C LEU A 93 -8.33 -25.69 -9.41
N GLN A 94 -8.61 -26.87 -9.96
CA GLN A 94 -9.50 -26.94 -11.12
C GLN A 94 -10.91 -26.50 -10.76
N LEU A 95 -11.42 -26.96 -9.61
CA LEU A 95 -12.75 -26.55 -9.16
C LEU A 95 -12.79 -25.07 -8.84
N LEU A 96 -11.70 -24.52 -8.33
CA LEU A 96 -11.66 -23.11 -7.97
C LEU A 96 -11.80 -22.22 -9.20
N MET A 97 -11.23 -22.66 -10.32
CA MET A 97 -11.10 -21.82 -11.51
C MET A 97 -12.24 -22.00 -12.51
N GLN A 98 -13.25 -22.80 -12.20
CA GLN A 98 -14.37 -22.92 -13.13
C GLN A 98 -15.14 -21.62 -13.28
N SER A 99 -14.82 -20.60 -12.49
CA SER A 99 -15.40 -19.28 -12.60
C SER A 99 -14.30 -18.24 -12.80
N THR A 100 -14.69 -17.04 -13.22
CA THR A 100 -13.75 -15.95 -13.44
C THR A 100 -13.19 -15.45 -12.10
N PRO A 101 -11.91 -15.05 -12.09
CA PRO A 101 -11.20 -14.54 -10.93
C PRO A 101 -12.03 -13.54 -10.13
N ALA A 102 -12.50 -13.96 -8.97
CA ALA A 102 -13.32 -13.12 -8.09
C ALA A 102 -12.60 -11.94 -7.44
N THR A 103 -13.31 -10.83 -7.30
CA THR A 103 -12.75 -9.65 -6.65
C THR A 103 -13.82 -8.72 -6.08
N ASN A 104 -13.40 -7.82 -5.20
CA ASN A 104 -14.29 -6.86 -4.56
C ASN A 104 -13.86 -5.46 -4.96
N ASN A 105 -14.81 -4.67 -5.45
CA ASN A 105 -14.54 -3.31 -5.92
C ASN A 105 -15.57 -2.32 -5.38
N ARG A 106 -15.25 -1.04 -5.41
CA ARG A 106 -16.17 0.01 -4.97
C ARG A 106 -17.12 0.41 -6.09
N ALA A 107 -18.00 1.36 -5.80
CA ALA A 107 -18.96 1.84 -6.81
C ALA A 107 -18.81 3.35 -7.01
N PHE A 137 -8.37 12.28 4.87
CA PHE A 137 -9.74 12.73 5.13
C PHE A 137 -10.56 12.77 3.85
N LEU A 138 -9.95 13.28 2.78
CA LEU A 138 -10.62 13.45 1.50
C LEU A 138 -10.59 12.20 0.63
N GLY A 139 -10.39 11.02 1.24
CA GLY A 139 -10.30 9.80 0.46
C GLY A 139 -11.58 9.47 -0.28
N PHE A 140 -12.72 9.95 0.21
CA PHE A 140 -13.99 9.71 -0.47
C PHE A 140 -14.07 10.42 -1.82
N LEU A 141 -13.19 11.39 -2.08
CA LEU A 141 -13.13 12.06 -3.37
C LEU A 141 -12.33 11.28 -4.40
N LEU A 142 -11.77 10.14 -4.04
CA LEU A 142 -10.96 9.37 -4.97
C LEU A 142 -11.81 8.67 -6.02
N GLY A 143 -11.16 8.27 -7.11
CA GLY A 143 -11.80 7.48 -8.13
C GLY A 143 -11.92 6.02 -7.70
N VAL A 144 -12.37 5.19 -8.64
CA VAL A 144 -12.58 3.77 -8.39
C VAL A 144 -12.01 3.01 -9.57
N GLY A 145 -11.05 2.14 -9.31
CA GLY A 145 -10.44 1.32 -10.33
C GLY A 145 -10.75 -0.16 -10.16
N SER A 146 -10.16 -0.95 -11.06
CA SER A 146 -10.22 -2.41 -10.98
C SER A 146 -8.77 -2.88 -10.96
N ALA A 147 -8.25 -3.14 -9.78
CA ALA A 147 -6.86 -3.51 -9.61
C ALA A 147 -6.32 -4.63 -10.47
N ILE A 148 -7.07 -5.70 -10.62
CA ILE A 148 -6.59 -6.83 -11.39
C ILE A 148 -7.14 -6.90 -12.82
N ALA A 149 -7.75 -5.82 -13.27
CA ALA A 149 -8.29 -5.77 -14.61
C ALA A 149 -7.27 -6.13 -15.66
N SER A 150 -6.05 -5.64 -15.50
CA SER A 150 -4.98 -5.95 -16.45
C SER A 150 -4.54 -7.40 -16.34
N GLY A 151 -4.40 -7.91 -15.11
CA GLY A 151 -4.01 -9.29 -14.92
C GLY A 151 -5.07 -10.26 -15.41
N VAL A 152 -6.34 -9.95 -15.15
CA VAL A 152 -7.43 -10.81 -15.62
C VAL A 152 -7.50 -10.78 -17.14
N ALA A 153 -7.21 -9.64 -17.76
CA ALA A 153 -7.18 -9.57 -19.22
C ALA A 153 -6.16 -10.54 -19.80
N VAL A 154 -4.99 -10.62 -19.16
CA VAL A 154 -3.98 -11.59 -19.60
C VAL A 154 -4.49 -13.01 -19.39
N CYS A 155 -5.23 -13.23 -18.31
CA CYS A 155 -5.73 -14.58 -18.03
C CYS A 155 -6.82 -14.99 -19.01
N LYS A 156 -7.66 -14.05 -19.46
CA LYS A 156 -8.66 -14.37 -20.47
C LYS A 156 -8.01 -14.83 -21.76
N VAL A 157 -6.84 -14.29 -22.08
CA VAL A 157 -6.14 -14.69 -23.30
C VAL A 157 -5.60 -16.11 -23.17
N LEU A 158 -5.17 -16.49 -21.97
CA LEU A 158 -4.61 -17.82 -21.77
C LEU A 158 -5.66 -18.93 -21.92
N HIS A 159 -6.95 -18.58 -21.86
CA HIS A 159 -7.99 -19.58 -22.07
C HIS A 159 -8.28 -19.82 -23.54
N LEU A 160 -7.86 -18.92 -24.43
CA LEU A 160 -8.00 -19.16 -25.86
C LEU A 160 -7.17 -20.38 -26.26
N GLU A 161 -7.73 -21.19 -27.15
CA GLU A 161 -7.10 -22.46 -27.49
C GLU A 161 -5.76 -22.24 -28.19
N GLY A 162 -4.80 -23.11 -27.89
CA GLY A 162 -3.45 -22.99 -28.41
C GLY A 162 -2.58 -22.01 -27.68
N GLU A 163 -3.14 -21.15 -26.83
CA GLU A 163 -2.33 -20.17 -26.12
C GLU A 163 -1.46 -20.82 -25.06
N VAL A 164 -2.01 -21.80 -24.33
CA VAL A 164 -1.23 -22.51 -23.32
C VAL A 164 -0.11 -23.32 -23.99
N ASN A 165 -0.36 -23.86 -25.19
CA ASN A 165 0.68 -24.60 -25.89
C ASN A 165 1.86 -23.71 -26.26
N LYS A 166 1.60 -22.44 -26.57
CA LYS A 166 2.70 -21.51 -26.83
C LYS A 166 3.60 -21.37 -25.61
N ILE A 167 2.99 -21.23 -24.43
CA ILE A 167 3.77 -21.16 -23.20
C ILE A 167 4.44 -22.49 -22.90
N LYS A 168 3.71 -23.59 -23.07
CA LYS A 168 4.27 -24.91 -22.81
C LYS A 168 5.47 -25.21 -23.70
N SER A 169 5.43 -24.71 -24.95
CA SER A 169 6.54 -24.96 -25.87
C SER A 169 7.73 -24.05 -25.59
N ALA A 170 7.48 -22.80 -25.21
CA ALA A 170 8.57 -21.87 -24.97
C ALA A 170 9.41 -22.27 -23.76
N LEU A 171 8.78 -22.91 -22.77
CA LEU A 171 9.47 -23.31 -21.55
C LEU A 171 9.91 -24.77 -21.60
N LEU A 172 10.03 -25.35 -22.79
CA LEU A 172 10.43 -26.75 -22.90
C LEU A 172 11.93 -26.91 -22.67
N SER A 173 12.74 -26.04 -23.27
CA SER A 173 14.19 -26.12 -23.16
C SER A 173 14.77 -25.17 -22.12
N THR A 174 13.98 -24.24 -21.61
CA THR A 174 14.44 -23.29 -20.60
C THR A 174 13.34 -23.06 -19.58
N ASN A 175 13.66 -22.34 -18.52
CA ASN A 175 12.70 -22.02 -17.47
C ASN A 175 12.20 -20.58 -17.53
N LYS A 176 12.86 -19.71 -18.30
CA LYS A 176 12.47 -18.32 -18.44
C LYS A 176 12.40 -17.98 -19.91
N ALA A 177 11.31 -17.36 -20.34
CA ALA A 177 11.13 -17.02 -21.75
C ALA A 177 10.10 -15.92 -21.87
N VAL A 178 10.29 -15.07 -22.89
CA VAL A 178 9.34 -14.01 -23.21
C VAL A 178 8.45 -14.52 -24.35
N VAL A 179 7.14 -14.48 -24.13
CA VAL A 179 6.16 -14.99 -25.08
C VAL A 179 5.24 -13.85 -25.49
N SER A 180 5.01 -13.73 -26.80
CA SER A 180 4.06 -12.76 -27.35
C SER A 180 2.74 -13.47 -27.56
N LEU A 181 1.72 -13.06 -26.79
CA LEU A 181 0.43 -13.72 -26.83
C LEU A 181 -0.31 -13.37 -28.12
N SER A 182 -1.51 -13.95 -28.27
CA SER A 182 -2.27 -13.77 -29.51
C SER A 182 -2.80 -12.34 -29.64
N ASN A 183 -3.24 -11.75 -28.52
CA ASN A 183 -3.77 -10.40 -28.56
C ASN A 183 -2.69 -9.33 -28.68
N GLY A 184 -1.42 -9.72 -28.73
CA GLY A 184 -0.33 -8.79 -28.95
C GLY A 184 0.44 -8.38 -27.71
N VAL A 185 0.13 -8.95 -26.55
CA VAL A 185 0.83 -8.61 -25.32
C VAL A 185 2.02 -9.54 -25.15
N SER A 186 3.18 -8.95 -24.83
CA SER A 186 4.42 -9.70 -24.64
C SER A 186 4.65 -9.87 -23.14
N VAL A 187 4.42 -11.08 -22.64
CA VAL A 187 4.55 -11.37 -21.22
C VAL A 187 5.81 -12.22 -21.00
N LEU A 188 6.35 -12.12 -19.78
CA LEU A 188 7.49 -12.92 -19.38
C LEU A 188 7.00 -14.16 -18.64
N THR A 189 7.37 -15.33 -19.13
CA THR A 189 6.91 -16.59 -18.57
C THR A 189 8.03 -17.24 -17.76
N PHE A 190 7.63 -17.99 -16.74
CA PHE A 190 8.58 -18.54 -15.77
C PHE A 190 8.04 -19.87 -15.26
N LYS A 191 8.80 -20.94 -15.47
CA LYS A 191 8.47 -22.25 -14.93
C LYS A 191 9.29 -22.45 -13.66
N VAL A 192 8.62 -22.33 -12.51
CA VAL A 192 9.32 -22.38 -11.23
C VAL A 192 9.36 -23.77 -10.61
N LEU A 193 8.51 -24.69 -11.07
CA LEU A 193 8.47 -26.04 -10.50
C LEU A 193 8.04 -27.01 -11.59
N ASP A 194 8.81 -28.08 -11.75
CA ASP A 194 8.56 -29.10 -12.77
C ASP A 194 8.21 -30.42 -12.06
N LEU A 195 7.00 -30.50 -11.51
CA LEU A 195 6.58 -31.73 -10.87
C LEU A 195 6.40 -32.85 -11.89
N LYS A 196 6.14 -32.51 -13.15
CA LYS A 196 6.05 -33.52 -14.21
C LYS A 196 7.37 -34.26 -14.34
N ASN A 197 8.48 -33.53 -14.40
CA ASN A 197 9.78 -34.17 -14.53
C ASN A 197 10.14 -35.01 -13.30
N TYR A 198 9.69 -34.61 -12.12
CA TYR A 198 10.05 -35.35 -10.92
C TYR A 198 9.22 -36.62 -10.77
N ILE A 199 7.91 -36.54 -11.00
CA ILE A 199 7.05 -37.70 -10.83
C ILE A 199 7.33 -38.73 -11.91
N ASP A 200 7.62 -38.27 -13.13
CA ASP A 200 7.84 -39.19 -14.24
C ASP A 200 9.21 -39.86 -14.18
N LYS A 201 10.21 -39.21 -13.59
CA LYS A 201 11.56 -39.75 -13.57
C LYS A 201 11.96 -40.38 -12.24
N GLN A 202 11.25 -40.07 -11.16
CA GLN A 202 11.61 -40.58 -9.84
C GLN A 202 10.47 -41.31 -9.13
N LEU A 203 9.23 -41.19 -9.60
CA LEU A 203 8.09 -41.80 -8.93
C LEU A 203 7.27 -42.71 -9.82
N LEU A 204 7.60 -42.83 -11.10
CA LEU A 204 6.87 -43.73 -11.98
C LEU A 204 7.36 -45.18 -11.88
N PRO A 205 8.68 -45.45 -11.90
CA PRO A 205 9.13 -46.84 -11.76
C PRO A 205 8.74 -47.47 -10.43
N ILE A 206 8.52 -46.66 -9.39
CA ILE A 206 8.16 -47.19 -8.08
C ILE A 206 6.74 -47.73 -8.05
N LEU A 207 5.93 -47.40 -9.05
CA LEU A 207 4.55 -47.89 -9.12
C LEU A 207 4.30 -48.65 -10.42
N CYS A 212 4.70 -50.14 -5.28
CA CYS A 212 4.78 -51.60 -5.27
C CYS A 212 6.19 -52.09 -5.63
N SER A 213 7.10 -51.13 -5.84
CA SER A 213 8.47 -51.44 -6.19
C SER A 213 9.40 -51.01 -5.06
N ILE A 214 10.68 -50.83 -5.38
CA ILE A 214 11.68 -50.49 -4.37
C ILE A 214 11.49 -49.04 -3.93
N SER A 215 11.46 -48.83 -2.62
CA SER A 215 11.21 -47.50 -2.06
C SER A 215 12.21 -47.21 -0.94
N ASN A 216 12.72 -45.99 -0.91
CA ASN A 216 13.63 -45.54 0.13
C ASN A 216 13.09 -44.26 0.76
N ILE A 217 13.63 -43.92 1.93
CA ILE A 217 13.09 -42.79 2.68
C ILE A 217 13.55 -41.46 2.09
N GLU A 218 14.68 -41.43 1.39
CA GLU A 218 15.17 -40.17 0.84
C GLU A 218 14.25 -39.65 -0.27
N THR A 219 13.57 -40.56 -0.97
CA THR A 219 12.59 -40.12 -1.97
C THR A 219 11.31 -39.63 -1.31
N VAL A 220 10.90 -40.25 -0.21
CA VAL A 220 9.72 -39.81 0.52
C VAL A 220 9.92 -38.38 1.03
N ILE A 221 11.12 -38.09 1.53
CA ILE A 221 11.40 -36.75 2.05
C ILE A 221 11.48 -35.74 0.92
N GLU A 222 12.13 -36.11 -0.20
CA GLU A 222 12.29 -35.16 -1.29
C GLU A 222 10.97 -34.87 -1.99
N PHE A 223 10.08 -35.86 -2.09
CA PHE A 223 8.78 -35.62 -2.72
C PHE A 223 7.92 -34.73 -1.85
N GLN A 224 7.99 -34.88 -0.53
CA GLN A 224 7.27 -33.98 0.36
C GLN A 224 7.82 -32.57 0.28
N GLN A 225 9.11 -32.41 0.00
CA GLN A 225 9.70 -31.08 -0.10
C GLN A 225 9.23 -30.37 -1.37
N LYS A 226 9.28 -31.05 -2.51
CA LYS A 226 8.89 -30.42 -3.76
C LYS A 226 7.37 -30.20 -3.83
N ASN A 227 6.60 -31.16 -3.35
CA ASN A 227 5.14 -31.03 -3.41
C ASN A 227 4.62 -29.99 -2.42
N ASN A 228 5.39 -29.65 -1.39
CA ASN A 228 4.90 -28.72 -0.38
C ASN A 228 4.61 -27.35 -0.97
N ARG A 229 5.38 -26.91 -1.96
CA ARG A 229 5.14 -25.60 -2.55
C ARG A 229 3.79 -25.58 -3.28
N LEU A 230 3.44 -26.66 -3.96
CA LEU A 230 2.14 -26.74 -4.61
C LEU A 230 1.01 -26.74 -3.59
N LEU A 231 1.21 -27.44 -2.46
CA LEU A 231 0.17 -27.48 -1.44
C LEU A 231 -0.02 -26.11 -0.79
N GLU A 232 1.07 -25.37 -0.58
CA GLU A 232 0.95 -24.06 0.05
C GLU A 232 0.33 -23.04 -0.89
N ILE A 233 0.66 -23.12 -2.18
CA ILE A 233 0.03 -22.23 -3.16
C ILE A 233 -1.47 -22.46 -3.21
N THR A 234 -1.88 -23.73 -3.15
CA THR A 234 -3.31 -24.04 -3.15
C THR A 234 -3.98 -23.53 -1.87
N ARG A 235 -3.30 -23.63 -0.73
CA ARG A 235 -3.87 -23.12 0.51
C ARG A 235 -4.11 -21.62 0.44
N GLU A 236 -3.19 -20.88 -0.18
CA GLU A 236 -3.37 -19.44 -0.29
C GLU A 236 -4.54 -19.09 -1.20
N PHE A 237 -4.65 -19.79 -2.33
CA PHE A 237 -5.74 -19.49 -3.26
C PHE A 237 -7.09 -19.95 -2.72
N SER A 238 -7.10 -20.99 -1.86
CA SER A 238 -8.36 -21.51 -1.36
C SER A 238 -9.02 -20.54 -0.38
N VAL A 239 -8.23 -19.76 0.36
CA VAL A 239 -8.76 -18.80 1.31
C VAL A 239 -8.72 -17.37 0.77
N ASN A 240 -8.40 -17.20 -0.51
CA ASN A 240 -8.36 -15.88 -1.13
C ASN A 240 -9.12 -15.83 -2.44
N ALA A 241 -9.89 -16.88 -2.77
CA ALA A 241 -10.70 -16.92 -3.99
C ALA A 241 -9.87 -16.74 -5.26
N GLY A 242 -8.62 -17.16 -5.22
CA GLY A 242 -7.77 -17.14 -6.40
C GLY A 242 -7.03 -15.84 -6.64
N VAL A 243 -7.08 -14.88 -5.72
CA VAL A 243 -6.36 -13.62 -5.84
C VAL A 243 -5.73 -13.30 -4.50
N THR A 244 -4.40 -13.19 -4.46
CA THR A 244 -3.67 -12.94 -3.23
C THR A 244 -2.82 -11.68 -3.36
N THR A 245 -2.71 -10.95 -2.26
CA THR A 245 -1.81 -9.81 -2.13
C THR A 245 -1.55 -9.57 -0.65
N PRO A 246 -0.29 -9.41 -0.22
CA PRO A 246 0.95 -9.44 -1.03
C PRO A 246 1.27 -10.81 -1.61
N VAL A 247 2.13 -10.83 -2.62
CA VAL A 247 2.55 -12.08 -3.25
C VAL A 247 3.57 -12.76 -2.34
N SER A 248 3.22 -13.94 -1.83
CA SER A 248 4.04 -14.64 -0.87
C SER A 248 5.28 -15.23 -1.55
N THR A 249 6.13 -15.87 -0.73
CA THR A 249 7.33 -16.52 -1.25
C THR A 249 7.03 -17.90 -1.85
N TYR A 250 5.85 -18.46 -1.60
CA TYR A 250 5.45 -19.68 -2.30
C TYR A 250 5.06 -19.38 -3.75
N MET A 251 4.34 -18.28 -3.97
CA MET A 251 4.03 -17.86 -5.33
C MET A 251 5.30 -17.49 -6.09
N LEU A 252 6.25 -16.86 -5.40
CA LEU A 252 7.46 -16.35 -6.05
C LEU A 252 8.52 -16.17 -4.97
N THR A 253 9.55 -17.01 -5.00
CA THR A 253 10.60 -16.91 -4.01
C THR A 253 11.40 -15.62 -4.23
N ASN A 254 12.20 -15.26 -3.23
CA ASN A 254 12.97 -14.03 -3.29
C ASN A 254 13.98 -14.07 -4.44
N SER A 255 14.56 -15.23 -4.70
CA SER A 255 15.50 -15.36 -5.82
C SER A 255 14.76 -15.35 -7.15
N GLU A 256 13.58 -15.97 -7.21
CA GLU A 256 12.80 -15.95 -8.44
C GLU A 256 12.29 -14.56 -8.76
N LEU A 257 11.80 -13.84 -7.75
CA LEU A 257 11.32 -12.48 -7.97
C LEU A 257 12.45 -11.56 -8.41
N LEU A 258 13.61 -11.66 -7.76
CA LEU A 258 14.75 -10.84 -8.16
C LEU A 258 15.18 -11.16 -9.58
N SER A 259 15.19 -12.45 -9.94
CA SER A 259 15.50 -12.83 -11.31
C SER A 259 14.42 -12.34 -12.27
N LEU A 260 13.16 -12.30 -11.82
CA LEU A 260 12.09 -11.76 -12.66
C LEU A 260 12.28 -10.27 -12.88
N ILE A 261 12.70 -9.54 -11.85
CA ILE A 261 12.93 -8.10 -11.98
C ILE A 261 14.11 -7.84 -12.92
N ASN A 262 15.12 -8.70 -12.88
CA ASN A 262 16.31 -8.48 -13.71
C ASN A 262 16.00 -8.70 -15.19
N ASP A 263 15.20 -9.71 -15.50
CA ASP A 263 14.80 -9.98 -16.88
C ASP A 263 13.62 -9.11 -17.33
N MET A 264 13.18 -8.18 -16.50
CA MET A 264 12.01 -7.37 -16.80
C MET A 264 12.40 -6.22 -17.73
N PRO A 265 11.55 -5.90 -18.72
CA PRO A 265 11.84 -4.78 -19.64
C PRO A 265 11.61 -3.42 -18.98
N ILE A 266 12.53 -3.05 -18.09
CA ILE A 266 12.45 -1.78 -17.36
C ILE A 266 13.85 -1.17 -17.33
N THR A 267 13.90 0.11 -16.98
CA THR A 267 15.16 0.82 -16.91
C THR A 267 15.99 0.34 -15.72
N ASN A 268 17.28 0.69 -15.73
CA ASN A 268 18.17 0.28 -14.66
C ASN A 268 17.77 0.88 -13.32
N ASP A 269 17.23 2.09 -13.33
CA ASP A 269 16.77 2.69 -12.08
C ASP A 269 15.57 1.93 -11.51
N GLN A 270 14.68 1.44 -12.38
CA GLN A 270 13.54 0.66 -11.91
C GLN A 270 13.99 -0.70 -11.38
N LYS A 271 14.98 -1.33 -12.03
CA LYS A 271 15.52 -2.58 -11.53
C LYS A 271 16.19 -2.38 -10.18
N LYS A 272 17.02 -1.33 -10.06
CA LYS A 272 17.70 -1.06 -8.80
C LYS A 272 16.70 -0.76 -7.68
N LEU A 273 15.66 0.01 -7.99
CA LEU A 273 14.67 0.37 -6.98
C LEU A 273 13.89 -0.86 -6.50
N MET A 274 13.41 -1.67 -7.46
CA MET A 274 12.60 -2.83 -7.09
C MET A 274 13.44 -3.89 -6.38
N SER A 275 14.70 -4.04 -6.78
CA SER A 275 15.54 -5.07 -6.18
C SER A 275 15.87 -4.74 -4.72
N ASN A 276 16.06 -3.46 -4.40
CA ASN A 276 16.39 -3.08 -3.04
C ASN A 276 15.16 -2.95 -2.15
N ASN A 277 13.95 -3.15 -2.69
CA ASN A 277 12.72 -3.07 -1.92
C ASN A 277 11.76 -4.16 -2.39
N VAL A 278 12.22 -5.41 -2.38
CA VAL A 278 11.39 -6.51 -2.85
C VAL A 278 10.19 -6.72 -1.94
N GLN A 279 10.34 -6.44 -0.64
CA GLN A 279 9.22 -6.61 0.27
C GLN A 279 8.10 -5.62 -0.02
N ILE A 280 8.45 -4.42 -0.51
CA ILE A 280 7.42 -3.45 -0.89
C ILE A 280 6.77 -3.87 -2.21
N VAL A 281 7.57 -4.38 -3.15
CA VAL A 281 7.03 -4.85 -4.42
C VAL A 281 6.03 -5.97 -4.19
N ARG A 282 6.32 -6.87 -3.23
CA ARG A 282 5.38 -7.92 -2.89
C ARG A 282 4.06 -7.34 -2.41
N GLN A 283 4.12 -6.34 -1.52
CA GLN A 283 2.91 -5.75 -0.97
C GLN A 283 2.08 -5.01 -2.02
N GLN A 284 2.69 -4.61 -3.14
CA GLN A 284 1.99 -3.93 -4.20
C GLN A 284 1.75 -4.83 -5.42
N SER A 285 1.89 -6.14 -5.25
CA SER A 285 1.72 -7.09 -6.33
C SER A 285 0.54 -8.01 -6.04
N TYR A 286 -0.09 -8.50 -7.11
CA TYR A 286 -1.18 -9.46 -7.03
C TYR A 286 -0.76 -10.77 -7.67
N SER A 287 -1.31 -11.86 -7.14
CA SER A 287 -1.13 -13.19 -7.72
C SER A 287 -2.51 -13.73 -8.08
N ILE A 288 -2.75 -13.92 -9.37
CA ILE A 288 -4.07 -14.28 -9.89
C ILE A 288 -3.99 -15.70 -10.42
N MET A 289 -4.68 -16.63 -9.75
CA MET A 289 -4.80 -17.98 -10.27
C MET A 289 -5.55 -17.96 -11.60
N CYS A 290 -4.93 -18.50 -12.64
CA CYS A 290 -5.46 -18.30 -13.99
C CYS A 290 -6.01 -19.58 -14.61
N ILE A 291 -5.13 -20.43 -15.13
CA ILE A 291 -5.55 -21.60 -15.90
C ILE A 291 -4.74 -22.82 -15.45
N ILE A 292 -5.36 -23.99 -15.57
CA ILE A 292 -4.67 -25.25 -15.34
C ILE A 292 -5.15 -26.28 -16.34
N LYS A 293 -4.50 -26.34 -17.51
CA LYS A 293 -4.85 -27.30 -18.54
C LYS A 293 -3.59 -27.73 -19.27
N GLU A 294 -3.64 -28.94 -19.84
CA GLU A 294 -2.53 -29.51 -20.61
C GLU A 294 -1.26 -29.59 -19.78
N GLU A 295 -1.38 -30.19 -18.59
CA GLU A 295 -0.24 -30.44 -17.69
C GLU A 295 0.45 -29.16 -17.24
N VAL A 296 -0.21 -28.02 -17.37
CA VAL A 296 0.37 -26.72 -17.04
C VAL A 296 -0.52 -26.02 -16.03
N LEU A 297 0.07 -25.55 -14.93
CA LEU A 297 -0.62 -24.75 -13.94
C LEU A 297 -0.05 -23.33 -14.04
N ALA A 298 -0.88 -22.39 -14.47
CA ALA A 298 -0.44 -21.02 -14.73
C ALA A 298 -1.23 -20.06 -13.85
N TYR A 299 -0.51 -19.14 -13.20
CA TYR A 299 -1.13 -18.05 -12.47
C TYR A 299 -0.37 -16.76 -12.78
N VAL A 300 -1.12 -15.68 -12.99
CA VAL A 300 -0.56 -14.39 -13.40
C VAL A 300 -0.12 -13.63 -12.16
N VAL A 301 1.13 -13.17 -12.17
CA VAL A 301 1.66 -12.29 -11.13
C VAL A 301 1.68 -10.88 -11.67
N GLN A 302 0.89 -10.00 -11.07
CA GLN A 302 0.76 -8.61 -11.49
C GLN A 302 1.70 -7.75 -10.66
N LEU A 303 2.69 -7.14 -11.31
CA LEU A 303 3.75 -6.43 -10.62
C LEU A 303 3.66 -4.92 -10.84
N PRO A 304 4.12 -4.12 -9.89
CA PRO A 304 3.98 -2.67 -10.01
C PRO A 304 5.01 -2.06 -10.95
N LEU A 305 4.55 -1.11 -11.76
CA LEU A 305 5.42 -0.29 -12.59
C LEU A 305 5.58 1.07 -11.94
N TYR A 306 6.83 1.43 -11.63
CA TYR A 306 7.11 2.71 -10.98
C TYR A 306 7.56 3.71 -12.05
N GLY A 307 6.56 4.33 -12.68
CA GLY A 307 6.82 5.32 -13.71
C GLY A 307 7.28 6.67 -13.18
N VAL A 308 7.14 6.91 -11.88
CA VAL A 308 7.57 8.14 -11.24
C VAL A 308 8.54 7.76 -10.12
N ILE A 309 9.78 8.20 -10.22
CA ILE A 309 10.83 7.83 -9.28
C ILE A 309 11.66 9.06 -8.95
N ASP A 310 11.95 9.26 -7.66
CA ASP A 310 12.88 10.28 -7.19
C ASP A 310 12.36 11.70 -7.43
N THR A 311 11.04 11.89 -7.39
CA THR A 311 10.55 13.25 -7.38
C THR A 311 10.25 13.68 -5.95
N PRO A 312 10.26 14.97 -5.64
CA PRO A 312 10.09 15.40 -4.25
C PRO A 312 8.72 15.03 -3.70
N CYS A 313 8.70 14.54 -2.46
CA CYS A 313 7.49 14.25 -1.74
C CYS A 313 7.52 14.95 -0.38
N TRP A 314 6.34 15.15 0.20
CA TRP A 314 6.22 15.72 1.52
C TRP A 314 4.88 15.33 2.12
N LYS A 315 4.87 15.18 3.44
CA LYS A 315 3.68 14.72 4.17
C LYS A 315 3.12 15.89 4.98
N LEU A 316 1.88 16.23 4.72
CA LEU A 316 1.19 17.32 5.42
C LEU A 316 0.35 16.75 6.56
N HIS A 317 0.70 17.11 7.79
CA HIS A 317 -0.07 16.73 8.97
C HIS A 317 -0.93 17.91 9.41
N THR A 318 -2.20 17.63 9.72
CA THR A 318 -3.12 18.66 10.20
C THR A 318 -3.82 18.18 11.47
N SER A 319 -4.22 19.15 12.29
CA SER A 319 -4.89 18.90 13.56
C SER A 319 -5.89 20.02 13.79
N PRO A 320 -6.94 19.79 14.56
CA PRO A 320 -7.96 20.84 14.76
C PRO A 320 -7.39 22.09 15.42
N LEU A 321 -7.78 23.25 14.91
CA LEU A 321 -7.45 24.54 15.49
C LEU A 321 -8.72 25.15 16.05
N CYS A 322 -8.76 25.33 17.37
CA CYS A 322 -9.95 25.81 18.07
C CYS A 322 -9.61 27.01 18.92
N THR A 323 -10.65 27.77 19.28
CA THR A 323 -10.48 28.82 20.27
C THR A 323 -10.25 28.20 21.64
N THR A 324 -9.59 28.96 22.52
CA THR A 324 -9.00 28.42 23.75
C THR A 324 -9.76 28.85 25.00
N ASN A 325 -11.09 28.77 24.97
CA ASN A 325 -11.89 29.02 26.16
C ASN A 325 -12.02 27.73 26.97
N THR A 326 -11.73 27.82 28.27
CA THR A 326 -11.86 26.66 29.14
C THR A 326 -13.33 26.24 29.27
N LYS A 327 -14.25 27.19 29.13
CA LYS A 327 -15.68 26.90 29.24
C LYS A 327 -16.09 25.85 28.22
N GLU A 328 -16.88 24.89 28.66
CA GLU A 328 -17.25 23.77 27.80
C GLU A 328 -18.24 24.21 26.72
N GLY A 329 -17.95 23.85 25.48
CA GLY A 329 -18.88 24.07 24.38
C GLY A 329 -18.93 25.49 23.85
N SER A 330 -18.06 26.39 24.31
CA SER A 330 -18.04 27.76 23.84
C SER A 330 -16.96 28.00 22.79
N ASN A 331 -16.37 26.96 22.24
CA ASN A 331 -15.33 27.16 21.25
C ASN A 331 -15.75 26.76 19.85
N ILE A 332 -15.06 27.29 18.85
CA ILE A 332 -15.31 26.94 17.49
C ILE A 332 -14.00 26.44 16.92
N CYS A 333 -14.06 25.48 16.02
CA CYS A 333 -12.84 24.94 15.48
C CYS A 333 -12.70 25.03 14.01
N LEU A 334 -11.56 24.63 13.55
CA LEU A 334 -11.24 24.72 12.13
C LEU A 334 -10.09 23.75 11.86
N THR A 335 -10.27 22.86 10.89
CA THR A 335 -9.32 21.81 10.61
C THR A 335 -9.05 21.72 9.12
N ARG A 336 -7.78 21.80 8.74
CA ARG A 336 -7.40 21.59 7.35
C ARG A 336 -7.63 20.13 6.99
N THR A 337 -8.40 19.91 5.92
CA THR A 337 -8.75 18.56 5.48
C THR A 337 -7.88 18.05 4.34
N ASP A 338 -6.88 18.82 3.90
CA ASP A 338 -6.02 18.43 2.79
C ASP A 338 -4.76 17.70 3.24
N ARG A 339 -4.80 17.02 4.38
CA ARG A 339 -3.64 16.30 4.87
C ARG A 339 -3.42 15.01 4.08
N GLY A 340 -2.18 14.57 4.03
CA GLY A 340 -1.78 13.36 3.35
C GLY A 340 -0.43 13.54 2.71
N TRP A 341 -0.08 12.59 1.83
CA TRP A 341 1.17 12.65 1.08
C TRP A 341 0.99 13.44 -0.20
N TYR A 342 1.96 14.30 -0.48
CA TYR A 342 2.02 15.06 -1.73
C TYR A 342 3.33 14.73 -2.43
N CYS A 343 3.27 14.52 -3.74
CA CYS A 343 4.47 14.26 -4.54
C CYS A 343 4.37 14.99 -5.87
N ASP A 344 5.43 15.68 -6.26
CA ASP A 344 5.50 16.27 -7.58
C ASP A 344 5.43 15.17 -8.64
N ASN A 345 4.58 15.36 -9.64
CA ASN A 345 4.38 14.32 -10.65
C ASN A 345 3.88 15.00 -11.93
N ALA A 346 4.78 15.17 -12.90
CA ALA A 346 4.43 15.56 -14.27
C ALA A 346 3.70 16.90 -14.31
N GLY A 347 4.30 17.91 -13.68
CA GLY A 347 3.76 19.25 -13.73
C GLY A 347 2.70 19.53 -12.69
N SER A 348 1.98 18.49 -12.29
CA SER A 348 0.94 18.62 -11.28
C SER A 348 1.47 18.12 -9.94
N VAL A 349 0.57 17.87 -8.99
CA VAL A 349 0.93 17.31 -7.69
C VAL A 349 0.02 16.13 -7.42
N SER A 350 0.60 14.96 -7.17
CA SER A 350 -0.16 13.78 -6.82
C SER A 350 -0.46 13.81 -5.33
N PHE A 351 -1.73 14.02 -4.99
CA PHE A 351 -2.16 14.14 -3.61
C PHE A 351 -2.83 12.85 -3.15
N PHE A 352 -2.30 12.26 -2.08
CA PHE A 352 -2.85 11.02 -1.53
C PHE A 352 -3.55 11.35 -0.21
N PRO A 353 -4.88 11.50 -0.21
CA PRO A 353 -5.57 11.99 1.00
C PRO A 353 -5.53 11.03 2.18
N GLN A 354 -5.14 9.78 1.99
CA GLN A 354 -5.03 8.80 3.07
C GLN A 354 -3.58 8.33 3.11
N ALA A 355 -2.78 8.98 3.94
CA ALA A 355 -1.34 8.71 3.99
C ALA A 355 -1.04 7.27 4.39
N GLU A 356 -1.99 6.58 5.02
CA GLU A 356 -1.76 5.20 5.42
C GLU A 356 -1.68 4.23 4.24
N THR A 357 -2.07 4.67 3.04
CA THR A 357 -1.95 3.82 1.86
C THR A 357 -0.55 3.81 1.28
N CYS A 358 0.35 4.66 1.78
CA CYS A 358 1.72 4.74 1.30
C CYS A 358 2.66 4.06 2.28
N LYS A 359 3.69 3.41 1.76
CA LYS A 359 4.75 2.82 2.56
C LYS A 359 6.01 3.68 2.48
N VAL A 360 6.67 3.86 3.61
CA VAL A 360 7.82 4.77 3.71
C VAL A 360 9.03 3.97 4.17
N GLN A 361 9.96 3.72 3.25
CA GLN A 361 11.23 3.05 3.55
C GLN A 361 12.33 4.10 3.53
N SER A 362 12.88 4.41 4.70
CA SER A 362 13.91 5.44 4.88
C SER A 362 13.33 6.75 4.37
N ASN A 363 13.93 7.41 3.37
CA ASN A 363 13.40 8.63 2.80
C ASN A 363 12.63 8.38 1.51
N ARG A 364 12.32 7.12 1.20
CA ARG A 364 11.58 6.75 0.01
C ARG A 364 10.10 6.55 0.36
N VAL A 365 9.22 7.04 -0.50
CA VAL A 365 7.78 6.92 -0.32
C VAL A 365 7.20 6.10 -1.45
N PHE A 366 6.58 4.97 -1.11
CA PHE A 366 5.92 4.11 -2.08
C PHE A 366 4.41 4.33 -1.99
N CYS A 367 3.83 4.85 -3.06
CA CYS A 367 2.39 5.08 -3.13
C CYS A 367 1.84 4.45 -4.39
N ASP A 368 0.52 4.59 -4.58
CA ASP A 368 -0.18 4.09 -5.73
C ASP A 368 -1.06 5.20 -6.28
N THR A 369 -0.89 5.55 -7.55
CA THR A 369 -1.64 6.66 -8.13
C THR A 369 -3.13 6.40 -8.16
N MET A 370 -3.56 5.13 -8.03
CA MET A 370 -4.99 4.83 -7.95
C MET A 370 -5.61 5.43 -6.69
N ASN A 371 -4.81 5.67 -5.65
CA ASN A 371 -5.25 6.28 -4.41
C ASN A 371 -4.88 7.75 -4.32
N SER A 372 -4.87 8.45 -5.46
CA SER A 372 -4.42 9.83 -5.50
C SER A 372 -5.38 10.70 -6.28
N LEU A 373 -5.27 12.00 -6.06
CA LEU A 373 -5.89 13.02 -6.89
C LEU A 373 -4.79 13.83 -7.56
N THR A 374 -5.09 14.34 -8.75
CA THR A 374 -4.16 15.16 -9.51
C THR A 374 -4.54 16.62 -9.30
N LEU A 375 -3.76 17.33 -8.50
CA LEU A 375 -4.08 18.71 -8.14
C LEU A 375 -3.06 19.68 -8.74
N PRO A 376 -3.45 20.93 -8.96
CA PRO A 376 -2.48 21.94 -9.38
C PRO A 376 -1.49 22.23 -8.26
N SER A 377 -0.25 22.56 -8.66
CA SER A 377 0.80 22.81 -7.68
C SER A 377 0.49 23.99 -6.77
N GLU A 378 -0.49 24.83 -7.12
CA GLU A 378 -0.88 25.95 -6.27
C GLU A 378 -1.50 25.50 -4.96
N VAL A 379 -1.80 24.22 -4.79
CA VAL A 379 -2.33 23.72 -3.53
C VAL A 379 -1.32 23.88 -2.40
N ASN A 380 -0.04 23.99 -2.72
CA ASN A 380 0.98 24.18 -1.70
C ASN A 380 0.85 25.52 -0.98
N LEU A 381 0.22 26.51 -1.62
CA LEU A 381 0.06 27.82 -1.02
C LEU A 381 -0.76 27.77 0.28
N CYS A 382 -1.55 26.71 0.46
CA CYS A 382 -2.35 26.58 1.68
C CYS A 382 -1.49 26.39 2.92
N ASN A 383 -0.22 25.98 2.75
CA ASN A 383 0.66 25.85 3.90
C ASN A 383 1.18 27.19 4.36
N VAL A 384 1.52 28.07 3.42
CA VAL A 384 2.05 29.39 3.76
C VAL A 384 0.93 30.42 3.91
N ASP A 385 0.01 30.48 2.96
CA ASP A 385 -1.08 31.45 2.95
C ASP A 385 -2.38 30.72 2.66
N ILE A 386 -3.10 30.32 3.72
CA ILE A 386 -4.34 29.58 3.54
C ILE A 386 -5.44 30.46 2.96
N PHE A 387 -5.19 31.74 2.92
CA PHE A 387 -6.17 32.68 2.42
C PHE A 387 -5.85 33.16 1.03
N ASN A 388 -4.90 32.51 0.36
CA ASN A 388 -4.47 32.95 -0.96
C ASN A 388 -5.60 32.82 -1.97
N PRO A 389 -5.62 33.68 -2.99
CA PRO A 389 -6.70 33.62 -3.99
C PRO A 389 -6.49 32.60 -5.08
N LYS A 390 -5.30 32.00 -5.18
CA LYS A 390 -5.02 31.09 -6.28
C LYS A 390 -5.65 29.71 -6.08
N TYR A 391 -5.73 29.22 -4.84
CA TYR A 391 -6.32 27.93 -4.56
C TYR A 391 -7.26 28.04 -3.36
N ASP A 392 -8.45 27.45 -3.49
CA ASP A 392 -9.43 27.43 -2.41
C ASP A 392 -9.08 26.28 -1.47
N CYS A 393 -8.49 26.62 -0.32
CA CYS A 393 -7.98 25.60 0.59
C CYS A 393 -9.10 24.89 1.31
N LYS A 394 -9.02 23.56 1.37
CA LYS A 394 -10.08 22.75 1.94
C LYS A 394 -9.94 22.69 3.46
N ILE A 395 -11.03 23.00 4.16
CA ILE A 395 -11.09 22.96 5.62
C ILE A 395 -12.43 22.37 6.05
N MET A 396 -12.53 22.06 7.33
CA MET A 396 -13.76 21.56 7.90
C MET A 396 -13.97 22.37 9.16
N THR A 397 -15.22 22.66 9.50
CA THR A 397 -15.48 23.43 10.71
C THR A 397 -16.27 22.61 11.71
N SER A 398 -15.87 22.67 12.97
CA SER A 398 -16.56 21.93 14.01
C SER A 398 -16.57 22.67 15.33
N LYS A 399 -17.49 22.29 16.19
CA LYS A 399 -17.55 22.83 17.54
C LYS A 399 -16.90 21.86 18.53
N ALA A 400 -16.42 20.74 18.03
CA ALA A 400 -15.80 19.71 18.86
C ALA A 400 -14.41 20.12 19.31
N ASP A 401 -14.33 20.64 20.53
CA ASP A 401 -13.06 21.09 21.10
C ASP A 401 -12.43 20.02 21.98
N VAL A 402 -12.10 18.90 21.34
CA VAL A 402 -11.46 17.78 22.03
C VAL A 402 -9.95 17.85 21.79
N SER A 403 -9.20 17.25 22.71
CA SER A 403 -7.75 17.32 22.68
C SER A 403 -7.17 16.06 22.04
N SER A 404 -6.11 16.25 21.27
CA SER A 404 -5.43 15.15 20.60
C SER A 404 -4.06 15.62 20.15
N SER A 405 -3.25 14.67 19.69
CA SER A 405 -1.92 14.95 19.17
C SER A 405 -1.72 14.16 17.88
N VAL A 406 -0.90 14.72 16.98
CA VAL A 406 -0.54 14.08 15.73
C VAL A 406 0.98 13.95 15.70
N ILE A 407 1.46 12.71 15.69
CA ILE A 407 2.90 12.46 15.65
C ILE A 407 3.40 12.66 14.22
N THR A 408 4.27 13.63 14.04
CA THR A 408 4.83 13.91 12.73
C THR A 408 6.12 13.11 12.54
N SER A 409 6.78 13.35 11.40
CA SER A 409 8.03 12.64 11.12
C SER A 409 9.15 13.09 12.05
N LEU A 410 9.16 14.37 12.43
CA LEU A 410 10.25 14.92 13.23
C LEU A 410 9.75 15.67 14.46
N GLY A 411 8.51 15.44 14.87
CA GLY A 411 7.98 16.12 16.03
C GLY A 411 6.58 15.68 16.41
N ALA A 412 5.80 16.60 16.96
CA ALA A 412 4.43 16.29 17.37
C ALA A 412 3.62 17.57 17.43
N ILE A 413 2.48 17.57 16.77
CA ILE A 413 1.48 18.63 16.89
C ILE A 413 0.59 18.29 18.07
N VAL A 414 0.31 19.28 18.91
CA VAL A 414 -0.52 19.07 20.11
C VAL A 414 -1.68 20.04 20.05
N SER A 415 -2.89 19.51 19.92
CA SER A 415 -4.12 20.30 19.98
C SER A 415 -4.72 20.09 21.38
N CYS A 416 -4.44 21.03 22.28
CA CYS A 416 -4.85 20.94 23.68
C CYS A 416 -5.99 21.93 23.91
N TYR A 417 -7.13 21.42 24.38
CA TYR A 417 -8.30 22.25 24.62
C TYR A 417 -9.02 21.76 25.88
N GLY A 418 -9.92 22.61 26.38
CA GLY A 418 -10.70 22.23 27.54
C GLY A 418 -9.86 22.24 28.79
N LYS A 419 -9.95 21.15 29.56
CA LYS A 419 -9.20 20.97 30.80
C LYS A 419 -8.25 19.79 30.69
N THR A 420 -7.64 19.62 29.52
CA THR A 420 -6.82 18.46 29.24
C THR A 420 -5.36 18.73 29.62
N LYS A 421 -4.70 17.69 30.16
CA LYS A 421 -3.29 17.75 30.51
C LYS A 421 -2.48 17.31 29.29
N CYS A 422 -1.70 18.23 28.73
CA CYS A 422 -0.87 17.95 27.56
C CYS A 422 0.58 18.29 27.89
N THR A 423 1.46 17.29 27.82
CA THR A 423 2.86 17.48 28.16
C THR A 423 3.74 16.76 27.13
N ALA A 424 5.02 17.11 27.15
CA ALA A 424 6.06 16.42 26.41
C ALA A 424 7.19 16.08 27.37
N SER A 425 7.70 14.86 27.29
CA SER A 425 8.62 14.35 28.30
C SER A 425 9.83 13.69 27.65
N ASN A 426 10.90 13.61 28.44
CA ASN A 426 12.09 12.84 28.13
C ASN A 426 12.14 11.62 29.05
N LYS A 427 12.67 10.51 28.54
CA LYS A 427 12.67 9.27 29.30
C LYS A 427 13.58 9.33 30.52
N ASN A 428 14.62 10.17 30.47
CA ASN A 428 15.56 10.26 31.59
C ASN A 428 15.15 11.28 32.64
N ARG A 429 14.39 12.30 32.25
CA ARG A 429 14.13 13.45 33.09
C ARG A 429 12.67 13.61 33.48
N GLY A 430 11.74 13.31 32.57
CA GLY A 430 10.34 13.51 32.84
C GLY A 430 9.76 14.65 32.02
N ILE A 431 8.71 15.29 32.54
CA ILE A 431 8.05 16.37 31.80
C ILE A 431 9.00 17.54 31.62
N ILE A 432 9.18 17.96 30.37
CA ILE A 432 10.00 19.12 30.07
C ILE A 432 9.19 20.30 29.53
N LYS A 433 7.96 20.06 29.07
CA LYS A 433 7.11 21.15 28.58
C LYS A 433 5.66 20.81 28.87
N THR A 434 4.90 21.81 29.29
CA THR A 434 3.46 21.70 29.52
C THR A 434 2.75 22.62 28.55
N PHE A 435 1.91 22.03 27.68
CA PHE A 435 1.23 22.81 26.66
C PHE A 435 0.03 23.54 27.24
N SER A 436 -0.10 24.82 26.90
CA SER A 436 -1.33 25.55 27.21
C SER A 436 -2.36 25.29 26.13
N ASN A 437 -3.58 25.79 26.36
CA ASN A 437 -4.66 25.58 25.41
C ASN A 437 -4.34 26.25 24.08
N GLY A 438 -4.65 25.55 22.99
CA GLY A 438 -4.34 25.94 21.64
C GLY A 438 -3.62 24.84 20.91
N CYS A 439 -3.14 25.15 19.71
CA CYS A 439 -2.41 24.20 18.89
C CYS A 439 -0.95 24.58 18.87
N ASP A 440 -0.10 23.71 19.40
CA ASP A 440 1.34 23.95 19.51
C ASP A 440 2.09 22.78 18.90
N TYR A 441 3.41 22.82 19.01
CA TYR A 441 4.27 21.84 18.37
C TYR A 441 5.57 21.73 19.15
N VAL A 442 6.13 20.52 19.18
CA VAL A 442 7.42 20.28 19.81
C VAL A 442 8.25 19.41 18.88
N SER A 443 9.55 19.67 18.85
CA SER A 443 10.46 18.90 18.03
C SER A 443 10.81 17.58 18.72
N ASN A 444 11.17 16.58 17.92
CA ASN A 444 11.56 15.28 18.46
C ASN A 444 12.95 15.29 19.07
N LYS A 445 13.68 16.39 18.96
CA LYS A 445 15.00 16.51 19.58
C LYS A 445 14.84 16.76 21.07
N GLY A 446 15.35 15.83 21.89
CA GLY A 446 15.20 15.91 23.32
C GLY A 446 13.86 15.45 23.86
N VAL A 447 12.90 15.15 22.99
CA VAL A 447 11.56 14.71 23.39
C VAL A 447 11.38 13.28 22.96
N ASP A 448 10.99 12.42 23.90
CA ASP A 448 10.74 11.01 23.61
C ASP A 448 9.26 10.64 23.60
N THR A 449 8.45 11.28 24.44
CA THR A 449 7.03 10.97 24.50
C THR A 449 6.22 12.26 24.60
N VAL A 450 4.97 12.16 24.17
CA VAL A 450 3.99 13.24 24.29
C VAL A 450 2.71 12.64 24.87
N SER A 451 2.14 13.32 25.87
CA SER A 451 0.91 12.86 26.51
C SER A 451 -0.19 13.90 26.31
N VAL A 452 -1.34 13.45 25.83
CA VAL A 452 -2.54 14.29 25.72
C VAL A 452 -3.67 13.52 26.38
N GLY A 453 -4.08 13.97 27.56
CA GLY A 453 -5.09 13.23 28.30
C GLY A 453 -4.49 11.93 28.83
N ASN A 454 -5.21 10.83 28.60
CA ASN A 454 -4.76 9.51 29.01
C ASN A 454 -4.09 8.75 27.87
N THR A 455 -3.65 9.44 26.82
CA THR A 455 -3.02 8.81 25.67
C THR A 455 -1.55 9.18 25.64
N LEU A 456 -0.68 8.18 25.67
CA LEU A 456 0.76 8.37 25.57
C LEU A 456 1.21 8.12 24.15
N TYR A 457 1.90 9.09 23.57
CA TYR A 457 2.44 8.99 22.22
C TYR A 457 3.96 8.90 22.28
N TYR A 458 4.52 7.92 21.58
CA TYR A 458 5.95 7.87 21.34
C TYR A 458 6.25 8.61 20.04
N VAL A 459 7.25 9.48 20.06
CA VAL A 459 7.59 10.27 18.88
C VAL A 459 8.66 9.53 18.09
N ASN A 460 8.73 9.84 16.79
CA ASN A 460 9.72 9.23 15.93
C ASN A 460 11.11 9.80 16.25
N LYS A 461 12.05 8.93 16.55
CA LYS A 461 13.41 9.34 16.88
C LYS A 461 14.32 9.40 15.67
N GLN A 462 13.83 9.95 14.56
CA GLN A 462 14.62 10.10 13.35
C GLN A 462 15.35 11.44 13.34
N GLU A 463 16.55 11.44 12.77
CA GLU A 463 17.34 12.67 12.71
C GLU A 463 16.76 13.63 11.69
N GLY A 464 16.63 14.90 12.09
CA GLY A 464 16.10 15.91 11.21
C GLY A 464 15.79 17.22 11.91
N LYS A 465 15.95 18.34 11.21
CA LYS A 465 15.72 19.66 11.78
C LYS A 465 14.27 20.09 11.56
N SER A 466 13.69 20.69 12.60
CA SER A 466 12.33 21.21 12.54
C SER A 466 12.36 22.73 12.62
N LEU A 467 11.39 23.36 11.97
CA LEU A 467 11.28 24.82 11.92
C LEU A 467 9.90 25.21 12.42
N TYR A 468 9.86 26.08 13.44
CA TYR A 468 8.62 26.57 14.01
C TYR A 468 8.29 27.91 13.36
N VAL A 469 7.28 27.92 12.49
CA VAL A 469 6.87 29.12 11.77
C VAL A 469 5.77 29.78 12.60
N LYS A 470 6.13 30.86 13.29
CA LYS A 470 5.18 31.56 14.14
C LYS A 470 4.15 32.31 13.31
N GLY A 471 2.92 32.36 13.82
CA GLY A 471 1.84 33.05 13.17
C GLY A 471 0.56 32.97 13.98
N GLU A 472 -0.30 33.97 13.87
CA GLU A 472 -1.52 33.98 14.68
C GLU A 472 -2.50 32.95 14.15
N PRO A 473 -3.12 32.15 15.02
CA PRO A 473 -4.10 31.16 14.55
C PRO A 473 -5.26 31.83 13.85
N ILE A 474 -5.56 31.34 12.64
CA ILE A 474 -6.59 31.96 11.80
C ILE A 474 -7.98 31.83 12.39
N ILE A 475 -8.17 30.96 13.38
CA ILE A 475 -9.47 30.84 14.03
C ILE A 475 -9.83 32.11 14.80
N ASN A 476 -8.83 32.92 15.15
CA ASN A 476 -9.09 34.19 15.82
C ASN A 476 -9.69 35.23 14.89
N PHE A 477 -9.71 34.98 13.60
CA PHE A 477 -10.21 35.95 12.67
C PHE A 477 -11.66 35.77 12.35
N TYR A 478 -12.36 34.98 13.11
CA TYR A 478 -13.73 34.71 12.83
C TYR A 478 -14.59 35.06 14.02
N ASP A 479 -15.75 35.63 13.76
CA ASP A 479 -16.69 36.00 14.80
C ASP A 479 -17.52 34.80 15.05
N PRO A 480 -17.47 34.27 16.25
CA PRO A 480 -18.20 33.04 16.55
C PRO A 480 -19.70 33.14 16.37
N LEU A 481 -20.28 34.34 16.46
CA LEU A 481 -21.73 34.47 16.34
C LEU A 481 -22.21 34.14 14.94
N VAL A 482 -21.37 34.32 13.93
CA VAL A 482 -21.77 34.03 12.57
C VAL A 482 -20.88 33.00 11.88
N PHE A 483 -20.20 32.19 12.67
CA PHE A 483 -19.30 31.17 12.15
C PHE A 483 -20.05 29.88 11.87
N PRO A 484 -19.96 29.38 10.63
CA PRO A 484 -20.62 28.13 10.28
C PRO A 484 -19.95 26.98 11.00
N SER A 485 -20.52 26.61 12.14
CA SER A 485 -20.00 25.57 13.01
C SER A 485 -19.99 24.15 12.50
N ASP A 486 -20.82 23.81 11.53
CA ASP A 486 -20.82 22.42 11.11
C ASP A 486 -20.70 22.19 9.62
N GLU A 487 -19.50 22.43 9.09
CA GLU A 487 -19.24 22.19 7.69
C GLU A 487 -18.27 21.03 7.65
N PHE A 488 -18.67 19.92 7.05
CA PHE A 488 -17.85 18.74 7.03
C PHE A 488 -16.84 18.71 5.90
N ASP A 489 -17.27 19.14 4.74
CA ASP A 489 -16.40 19.17 3.55
C ASP A 489 -16.53 20.55 2.92
N ALA A 490 -15.86 21.54 3.52
CA ALA A 490 -15.97 22.92 3.08
C ALA A 490 -14.60 23.42 2.62
N SER A 491 -14.49 24.74 2.45
CA SER A 491 -13.25 25.38 2.05
C SER A 491 -13.21 26.78 2.65
N ILE A 492 -12.10 27.48 2.42
CA ILE A 492 -11.97 28.84 2.92
C ILE A 492 -13.01 29.75 2.28
N SER A 493 -13.13 29.68 0.95
CA SER A 493 -14.11 30.50 0.25
C SER A 493 -15.53 30.08 0.61
N GLN A 494 -15.75 28.77 0.79
CA GLN A 494 -17.08 28.29 1.13
C GLN A 494 -17.54 28.84 2.48
N VAL A 495 -16.63 28.89 3.45
CA VAL A 495 -16.98 29.44 4.76
C VAL A 495 -17.22 30.94 4.66
N ASN A 496 -16.46 31.61 3.84
CA ASN A 496 -16.63 33.03 3.70
C ASN A 496 -17.98 33.31 3.11
N GLU A 497 -18.37 32.57 2.09
CA GLU A 497 -19.67 32.78 1.46
C GLU A 497 -20.79 32.68 2.49
N LYS A 498 -20.74 31.65 3.34
CA LYS A 498 -21.79 31.47 4.36
C LYS A 498 -21.74 32.58 5.39
N ILE A 499 -20.58 33.12 5.66
CA ILE A 499 -20.50 34.18 6.62
C ILE A 499 -21.05 35.45 6.02
N ASN A 500 -20.75 35.70 4.77
CA ASN A 500 -21.25 36.90 4.11
C ASN A 500 -22.77 36.96 4.11
N GLN A 501 -23.42 35.81 3.87
CA GLN A 501 -24.88 35.79 3.86
C GLN A 501 -25.44 36.03 5.26
N SER A 502 -24.85 35.38 6.27
CA SER A 502 -25.35 35.53 7.64
C SER A 502 -25.15 36.95 8.17
N LEU A 503 -24.19 37.65 7.62
CA LEU A 503 -23.96 38.98 8.08
C LEU A 503 -25.00 39.91 7.51
N ALA A 504 -25.23 39.80 6.21
CA ALA A 504 -26.14 40.72 5.53
C ALA A 504 -27.54 40.64 6.14
N PHE A 505 -27.97 39.45 6.56
CA PHE A 505 -29.28 39.28 7.17
C PHE A 505 -29.34 39.78 8.60
N ILE A 506 -28.22 40.22 9.16
CA ILE A 506 -28.21 40.80 10.50
C ILE A 506 -28.15 42.32 10.40
S SO4 B . -17.58 4.90 -1.06
O1 SO4 B . -16.83 3.68 -1.32
O2 SO4 B . -18.99 4.67 -1.39
O3 SO4 B . -17.05 5.99 -1.86
O4 SO4 B . -17.48 5.25 0.36
S SO4 C . 12.42 -27.95 -10.36
O1 SO4 C . 12.21 -27.35 -9.05
O2 SO4 C . 11.90 -29.32 -10.35
O3 SO4 C . 13.84 -27.97 -10.69
O4 SO4 C . 11.69 -27.17 -11.37
S SO4 D . 16.63 2.76 -2.64
O1 SO4 D . 15.21 2.62 -2.31
O2 SO4 D . 17.42 1.92 -1.74
O3 SO4 D . 16.85 2.35 -4.02
O4 SO4 D . 17.02 4.15 -2.47
S SO4 E . 15.56 20.67 15.99
O1 SO4 E . 14.80 19.47 15.62
O2 SO4 E . 15.14 21.10 17.33
O3 SO4 E . 15.29 21.72 15.02
O4 SO4 E . 16.98 20.36 16.00
S SO4 F . -11.90 7.18 3.20
O1 SO4 F . -13.19 6.55 2.98
O2 SO4 F . -11.52 7.00 4.60
O3 SO4 F . -10.89 6.58 2.35
O4 SO4 F . -12.01 8.61 2.92
S SO4 G . -14.51 5.41 6.83
O1 SO4 G . -15.82 5.16 7.41
O2 SO4 G . -13.73 4.16 6.82
O3 SO4 G . -14.67 5.89 5.47
O4 SO4 G . -13.80 6.40 7.63
S SO4 H . -13.67 10.40 7.12
O1 SO4 H . -14.89 10.03 6.42
O2 SO4 H . -13.74 9.91 8.50
O3 SO4 H . -12.51 9.81 6.46
O4 SO4 H . -13.54 11.86 7.12
S SO4 I . 2.98 4.87 20.55
O1 SO4 I . 1.87 4.15 19.94
O2 SO4 I . 2.75 4.98 21.99
O3 SO4 I . 4.23 4.13 20.31
O4 SO4 I . 3.09 6.21 19.97
S SO4 J . 17.71 13.09 20.74
O1 SO4 J . 17.28 12.34 19.56
O2 SO4 J . 17.93 12.17 21.86
O3 SO4 J . 18.94 13.80 20.45
O4 SO4 J . 16.67 14.05 21.11
S SO4 K . 19.10 12.79 26.98
O1 SO4 K . 18.69 11.63 26.20
O2 SO4 K . 18.91 12.51 28.41
O3 SO4 K . 20.51 13.08 26.73
O4 SO4 K . 18.29 13.95 26.61
S SO4 L . 16.19 -46.81 3.20
O1 SO4 L . 15.07 -47.56 2.63
O2 SO4 L . 17.01 -47.70 4.02
O3 SO4 L . 17.01 -46.28 2.11
O4 SO4 L . 15.69 -45.71 4.02
C3' NHE M . -10.49 36.01 8.14
C2' NHE M . -11.98 35.84 8.27
C1' NHE M . -12.66 36.84 7.40
C6' NHE M . -12.32 36.41 6.01
N NHE M . -14.08 36.78 7.63
C1 NHE M . -14.50 36.76 8.99
C2 NHE M . -15.12 38.07 9.42
S NHE M . -16.25 37.74 10.55
O1 NHE M . -17.60 38.46 10.16
O2 NHE M . -16.44 36.38 10.73
O3 NHE M . -15.84 38.21 11.78
C5' NHE M . -10.87 36.72 5.80
C4' NHE M . -10.06 35.85 6.71
O1 TAR N . -5.27 -31.42 -16.49
O11 TAR N . -3.59 -30.85 -17.76
C1 TAR N . -4.77 -31.27 -17.63
C2 TAR N . -5.59 -31.60 -18.86
O2 TAR N . -6.26 -32.83 -18.66
C3 TAR N . -6.59 -30.50 -19.11
O3 TAR N . -7.81 -30.82 -18.47
C4 TAR N . -6.83 -30.35 -20.60
O4 TAR N . -6.11 -30.98 -21.42
O41 TAR N . -7.75 -29.61 -21.01
#